data_4J1V
#
_entry.id   4J1V
#
_cell.length_a   50.094
_cell.length_b   54.573
_cell.length_c   86.574
_cell.angle_alpha   90
_cell.angle_beta   89.950
_cell.angle_gamma   90
#
_symmetry.space_group_name_H-M   'P 1 21 1'
#
loop_
_entity.id
_entity.type
_entity.pdbx_description
1 polymer 'MOB kinase activator 1A'
2 polymer 'NS5A domain II peptide'
3 non-polymer 'ZINC ION'
4 water water
#
loop_
_entity_poly.entity_id
_entity_poly.type
_entity_poly.pdbx_seq_one_letter_code
_entity_poly.pdbx_strand_id
1 'polypeptide(L)'
;EATLGSGNLRQAVMLPEGEDLNEWIAVNTVDFFNQINMLYGTITEFCTEASCPVMSAGPRYEYHWADGTNIKKPIKCSAP
KYIDYLMTWVQDQLDDETLFPSKIGVPFPKNFMSVAKTILKRLFRVYAHIYHQHFDSVMQLQEEAHLNTSFKHFIFFVQE
FNLIDRRELAPLQELIEKLGSKDR
;
A,C
2 'polypeptide(L)' ALPAWARPDYNPPLVESWRR E,G,F,H
#
# COMPACT_ATOMS: atom_id res chain seq x y z
N LEU A 9 -4.93 -14.34 6.13
CA LEU A 9 -5.65 -13.05 6.36
C LEU A 9 -5.62 -12.67 7.83
N ARG A 10 -5.53 -13.67 8.70
CA ARG A 10 -5.51 -13.42 10.14
C ARG A 10 -4.48 -12.37 10.52
N GLN A 11 -3.35 -12.37 9.82
CA GLN A 11 -2.27 -11.42 10.08
C GLN A 11 -2.47 -10.10 9.35
N ALA A 12 -2.91 -10.18 8.10
CA ALA A 12 -3.12 -8.98 7.29
C ALA A 12 -4.19 -8.06 7.87
N VAL A 13 -5.17 -8.63 8.56
CA VAL A 13 -6.24 -7.83 9.14
C VAL A 13 -5.89 -7.24 10.50
N MET A 14 -4.81 -7.73 11.10
CA MET A 14 -4.39 -7.22 12.41
C MET A 14 -3.92 -5.78 12.30
N LEU A 15 -4.09 -5.03 13.38
CA LEU A 15 -3.67 -3.63 13.42
C LEU A 15 -2.16 -3.52 13.34
N PRO A 16 -1.65 -2.86 12.27
CA PRO A 16 -0.20 -2.71 12.11
C PRO A 16 0.45 -2.04 13.32
N GLU A 17 1.72 -2.39 13.57
CA GLU A 17 2.45 -1.82 14.70
C GLU A 17 2.44 -0.29 14.64
N GLY A 18 1.99 0.34 15.72
CA GLY A 18 1.96 1.79 15.77
C GLY A 18 0.80 2.45 15.04
N GLU A 19 0.04 1.66 14.30
CA GLU A 19 -1.09 2.18 13.54
C GLU A 19 -2.29 2.52 14.43
N ASP A 20 -3.00 3.57 14.05
CA ASP A 20 -4.18 4.01 14.80
C ASP A 20 -5.35 3.10 14.44
N LEU A 21 -6.06 2.62 15.46
CA LEU A 21 -7.19 1.72 15.24
C LEU A 21 -8.27 2.31 14.35
N ASN A 22 -8.69 3.55 14.65
CA ASN A 22 -9.72 4.20 13.84
C ASN A 22 -9.30 4.32 12.38
N GLU A 23 -8.07 4.77 12.14
CA GLU A 23 -7.59 4.90 10.78
C GLU A 23 -7.57 3.54 10.08
N TRP A 24 -7.16 2.51 10.81
CA TRP A 24 -7.11 1.17 10.25
C TRP A 24 -8.51 0.72 9.85
N ILE A 25 -9.46 0.91 10.75
CA ILE A 25 -10.85 0.55 10.47
C ILE A 25 -11.40 1.38 9.32
N ALA A 26 -11.06 2.66 9.30
CA ALA A 26 -11.54 3.54 8.24
C ALA A 26 -11.06 3.13 6.86
N VAL A 27 -9.76 2.91 6.72
CA VAL A 27 -9.18 2.53 5.43
C VAL A 27 -9.74 1.20 4.94
N ASN A 28 -9.87 0.24 5.84
CA ASN A 28 -10.41 -1.06 5.45
C ASN A 28 -11.90 -0.99 5.14
N THR A 29 -12.64 -0.17 5.86
CA THR A 29 -14.08 -0.05 5.61
C THR A 29 -14.30 0.50 4.21
N VAL A 30 -13.49 1.46 3.78
CA VAL A 30 -13.61 2.01 2.43
C VAL A 30 -13.40 0.87 1.43
N ASP A 31 -12.35 0.09 1.64
CA ASP A 31 -12.02 -1.04 0.76
C ASP A 31 -13.19 -2.04 0.67
N PHE A 32 -13.81 -2.33 1.82
CA PHE A 32 -14.91 -3.29 1.83
C PHE A 32 -16.11 -2.73 1.08
N PHE A 33 -16.36 -1.44 1.25
CA PHE A 33 -17.46 -0.83 0.54
C PHE A 33 -17.24 -0.96 -0.96
N ASN A 34 -16.01 -0.68 -1.40
CA ASN A 34 -15.72 -0.77 -2.83
C ASN A 34 -15.86 -2.18 -3.37
N GLN A 35 -15.46 -3.17 -2.59
CA GLN A 35 -15.57 -4.56 -3.04
C GLN A 35 -17.01 -5.02 -3.16
N ILE A 36 -17.83 -4.73 -2.16
CA ILE A 36 -19.22 -5.17 -2.25
C ILE A 36 -19.98 -4.34 -3.29
N ASN A 37 -19.57 -3.09 -3.48
CA ASN A 37 -20.19 -2.24 -4.49
C ASN A 37 -19.92 -2.88 -5.86
N MET A 38 -18.69 -3.34 -6.05
CA MET A 38 -18.28 -3.97 -7.30
C MET A 38 -19.02 -5.31 -7.52
N LEU A 39 -19.08 -6.13 -6.47
CA LEU A 39 -19.74 -7.43 -6.58
C LEU A 39 -21.23 -7.31 -6.86
N TYR A 40 -21.90 -6.39 -6.17
CA TYR A 40 -23.32 -6.21 -6.41
C TYR A 40 -23.54 -5.66 -7.81
N GLY A 41 -22.63 -4.79 -8.25
CA GLY A 41 -22.76 -4.23 -9.59
C GLY A 41 -22.82 -5.31 -10.66
N THR A 42 -22.05 -6.39 -10.49
CA THR A 42 -22.04 -7.47 -11.47
C THR A 42 -23.38 -8.21 -11.59
N ILE A 43 -24.20 -8.18 -10.56
CA ILE A 43 -25.47 -8.90 -10.63
C ILE A 43 -26.72 -8.03 -10.59
N THR A 44 -26.56 -6.71 -10.71
CA THR A 44 -27.72 -5.81 -10.66
C THR A 44 -28.72 -6.16 -11.75
N GLU A 45 -28.22 -6.64 -12.88
CA GLU A 45 -29.09 -7.01 -13.98
C GLU A 45 -30.06 -8.10 -13.52
N PHE A 46 -29.63 -8.92 -12.57
CA PHE A 46 -30.46 -10.03 -12.09
C PHE A 46 -31.20 -9.78 -10.77
N CYS A 47 -30.95 -8.62 -10.14
CA CYS A 47 -31.62 -8.27 -8.89
C CYS A 47 -32.60 -7.16 -9.27
N THR A 48 -33.84 -7.56 -9.54
CA THR A 48 -34.87 -6.62 -9.98
C THR A 48 -36.08 -6.56 -9.06
N GLU A 49 -36.98 -5.65 -9.39
CA GLU A 49 -38.21 -5.49 -8.63
C GLU A 49 -39.03 -6.78 -8.67
N ALA A 50 -38.92 -7.52 -9.77
CA ALA A 50 -39.65 -8.77 -9.93
C ALA A 50 -38.98 -9.96 -9.26
N SER A 51 -37.67 -10.06 -9.41
CA SER A 51 -36.94 -11.18 -8.81
C SER A 51 -36.89 -11.10 -7.29
N CYS A 52 -36.79 -9.87 -6.77
CA CYS A 52 -36.68 -9.69 -5.32
C CYS A 52 -37.59 -8.60 -4.77
N PRO A 53 -38.91 -8.88 -4.70
CA PRO A 53 -39.89 -7.90 -4.21
C PRO A 53 -39.68 -7.52 -2.74
N VAL A 54 -38.92 -8.33 -2.02
CA VAL A 54 -38.65 -8.06 -0.61
C VAL A 54 -37.18 -8.36 -0.32
N MET A 55 -36.54 -7.49 0.45
CA MET A 55 -35.12 -7.68 0.80
C MET A 55 -35.00 -8.88 1.73
N SER A 56 -34.35 -9.94 1.26
CA SER A 56 -34.19 -11.12 2.10
C SER A 56 -32.84 -11.79 1.92
N ALA A 57 -32.59 -12.77 2.78
CA ALA A 57 -31.38 -13.56 2.75
C ALA A 57 -31.87 -14.99 2.95
N GLY A 58 -32.61 -15.49 1.96
CA GLY A 58 -33.12 -16.84 2.06
C GLY A 58 -34.48 -16.88 2.74
N PRO A 59 -35.08 -18.08 2.89
CA PRO A 59 -36.38 -18.28 3.52
C PRO A 59 -36.47 -17.97 5.02
N ARG A 60 -35.33 -17.93 5.70
CA ARG A 60 -35.32 -17.70 7.14
C ARG A 60 -35.00 -16.28 7.62
N TYR A 61 -34.56 -15.41 6.71
CA TYR A 61 -34.17 -14.07 7.11
C TYR A 61 -34.64 -13.01 6.12
N GLU A 62 -35.31 -11.99 6.64
CA GLU A 62 -35.83 -10.91 5.82
C GLU A 62 -35.47 -9.57 6.48
N TYR A 63 -35.30 -8.53 5.67
CA TYR A 63 -34.95 -7.21 6.20
C TYR A 63 -36.03 -6.20 5.88
N HIS A 64 -36.68 -5.69 6.91
CA HIS A 64 -37.75 -4.71 6.73
C HIS A 64 -37.22 -3.31 6.51
N TRP A 65 -38.01 -2.50 5.82
CA TRP A 65 -37.61 -1.12 5.58
C TRP A 65 -37.81 -0.38 6.90
N ALA A 66 -38.91 -0.71 7.59
CA ALA A 66 -39.21 -0.10 8.88
C ALA A 66 -40.09 -1.01 9.73
N ASP A 67 -39.79 -1.10 11.02
CA ASP A 67 -40.57 -1.93 11.93
C ASP A 67 -40.35 -1.53 13.38
N PRO A 74 -45.27 -4.45 9.49
CA PRO A 74 -44.01 -3.79 9.12
C PRO A 74 -43.95 -3.37 7.66
N ILE A 75 -43.15 -2.36 7.37
CA ILE A 75 -42.98 -1.84 6.03
C ILE A 75 -41.82 -2.54 5.34
N LYS A 76 -42.09 -3.15 4.19
CA LYS A 76 -41.08 -3.87 3.44
C LYS A 76 -40.76 -3.14 2.14
N CYS A 77 -39.69 -3.55 1.47
CA CYS A 77 -39.34 -2.94 0.19
C CYS A 77 -38.46 -3.90 -0.59
N SER A 78 -38.31 -3.66 -1.89
CA SER A 78 -37.52 -4.56 -2.74
C SER A 78 -36.04 -4.52 -2.40
N ALA A 79 -35.34 -5.57 -2.81
CA ALA A 79 -33.91 -5.67 -2.57
C ALA A 79 -33.18 -4.55 -3.30
N PRO A 80 -33.51 -4.32 -4.59
CA PRO A 80 -32.81 -3.23 -5.28
C PRO A 80 -32.94 -1.88 -4.60
N LYS A 81 -34.14 -1.54 -4.14
CA LYS A 81 -34.35 -0.27 -3.47
C LYS A 81 -33.64 -0.26 -2.12
N TYR A 82 -33.72 -1.37 -1.40
CA TYR A 82 -33.09 -1.50 -0.09
C TYR A 82 -31.58 -1.36 -0.21
N ILE A 83 -30.98 -2.13 -1.11
CA ILE A 83 -29.54 -2.11 -1.28
C ILE A 83 -29.05 -0.78 -1.84
N ASP A 84 -29.78 -0.19 -2.78
CA ASP A 84 -29.36 1.10 -3.30
C ASP A 84 -29.35 2.15 -2.17
N TYR A 85 -30.41 2.16 -1.36
CA TYR A 85 -30.46 3.12 -0.26
C TYR A 85 -29.32 2.89 0.73
N LEU A 86 -29.11 1.63 1.10
CA LEU A 86 -28.06 1.28 2.04
C LEU A 86 -26.68 1.65 1.51
N MET A 87 -26.41 1.34 0.26
CA MET A 87 -25.11 1.65 -0.34
C MET A 87 -24.90 3.14 -0.54
N THR A 88 -25.99 3.87 -0.83
CA THR A 88 -25.89 5.30 -1.01
C THR A 88 -25.55 5.92 0.36
N TRP A 89 -26.22 5.43 1.40
CA TRP A 89 -25.99 5.92 2.75
C TRP A 89 -24.53 5.71 3.17
N VAL A 90 -24.00 4.52 2.88
CA VAL A 90 -22.61 4.23 3.24
C VAL A 90 -21.64 5.18 2.52
N GLN A 91 -21.83 5.34 1.23
CA GLN A 91 -20.96 6.23 0.46
C GLN A 91 -21.02 7.66 1.02
N ASP A 92 -22.20 8.08 1.44
CA ASP A 92 -22.35 9.42 2.01
C ASP A 92 -21.56 9.53 3.31
N GLN A 93 -21.54 8.46 4.11
CA GLN A 93 -20.80 8.48 5.36
C GLN A 93 -19.31 8.57 5.05
N LEU A 94 -18.86 7.82 4.04
CA LEU A 94 -17.45 7.84 3.66
C LEU A 94 -17.03 9.24 3.21
N ASP A 95 -17.96 9.97 2.62
CA ASP A 95 -17.67 11.32 2.14
C ASP A 95 -17.89 12.41 3.17
N ASP A 96 -18.30 12.01 4.37
CA ASP A 96 -18.54 12.98 5.44
C ASP A 96 -17.23 13.27 6.17
N GLU A 97 -16.66 14.45 5.92
CA GLU A 97 -15.40 14.86 6.52
C GLU A 97 -15.43 14.87 8.04
N THR A 98 -16.61 15.01 8.63
CA THR A 98 -16.71 15.02 10.08
C THR A 98 -16.61 13.60 10.65
N LEU A 99 -16.97 12.61 9.83
CA LEU A 99 -16.92 11.21 10.24
C LEU A 99 -15.65 10.50 9.78
N PHE A 100 -15.27 10.73 8.53
CA PHE A 100 -14.07 10.15 7.95
C PHE A 100 -13.11 11.26 7.53
N PRO A 101 -12.49 11.94 8.51
CA PRO A 101 -11.55 13.03 8.24
C PRO A 101 -10.42 12.60 7.32
N SER A 102 -10.08 13.45 6.36
CA SER A 102 -9.01 13.14 5.42
C SER A 102 -7.84 14.09 5.64
N LYS A 103 -8.09 15.20 6.33
CA LYS A 103 -7.06 16.18 6.61
C LYS A 103 -6.25 15.82 7.85
N ILE A 104 -4.95 16.09 7.79
CA ILE A 104 -4.07 15.80 8.91
C ILE A 104 -4.45 16.61 10.15
N GLY A 105 -4.35 15.98 11.31
CA GLY A 105 -4.67 16.65 12.56
C GLY A 105 -6.13 16.58 12.99
N VAL A 106 -7.03 16.24 12.07
CA VAL A 106 -8.45 16.15 12.39
C VAL A 106 -8.76 14.77 12.94
N PRO A 107 -9.14 14.69 14.22
CA PRO A 107 -9.46 13.41 14.84
C PRO A 107 -10.80 12.85 14.41
N PHE A 108 -10.96 11.53 14.54
CA PHE A 108 -12.22 10.89 14.20
C PHE A 108 -13.20 11.30 15.30
N PRO A 109 -14.50 11.38 14.96
CA PRO A 109 -15.50 11.75 15.96
C PRO A 109 -15.61 10.71 17.06
N LYS A 110 -16.22 11.09 18.18
CA LYS A 110 -16.39 10.20 19.31
C LYS A 110 -17.28 8.99 18.94
N ASN A 111 -18.20 9.20 18.01
CA ASN A 111 -19.11 8.14 17.60
C ASN A 111 -18.63 7.38 16.35
N PHE A 112 -17.35 7.52 16.03
CA PHE A 112 -16.81 6.84 14.85
C PHE A 112 -16.96 5.33 14.87
N MET A 113 -16.55 4.71 15.97
CA MET A 113 -16.63 3.25 16.08
C MET A 113 -18.07 2.79 15.86
N SER A 114 -19.01 3.51 16.45
CA SER A 114 -20.42 3.17 16.31
C SER A 114 -20.87 3.28 14.86
N VAL A 115 -20.42 4.34 14.17
CA VAL A 115 -20.81 4.53 12.78
C VAL A 115 -20.16 3.46 11.91
N ALA A 116 -18.91 3.11 12.21
CA ALA A 116 -18.21 2.10 11.43
C ALA A 116 -18.89 0.73 11.57
N LYS A 117 -19.32 0.39 12.78
CA LYS A 117 -19.98 -0.89 13.00
C LYS A 117 -21.29 -0.96 12.24
N THR A 118 -22.03 0.15 12.24
CA THR A 118 -23.29 0.21 11.52
C THR A 118 -23.04 0.03 10.02
N ILE A 119 -21.98 0.66 9.52
CA ILE A 119 -21.65 0.54 8.11
C ILE A 119 -21.37 -0.92 7.77
N LEU A 120 -20.52 -1.56 8.58
CA LEU A 120 -20.15 -2.95 8.34
C LEU A 120 -21.34 -3.90 8.48
N LYS A 121 -22.18 -3.68 9.48
CA LYS A 121 -23.37 -4.52 9.65
C LYS A 121 -24.22 -4.44 8.39
N ARG A 122 -24.33 -3.24 7.81
CA ARG A 122 -25.14 -3.07 6.61
C ARG A 122 -24.52 -3.69 5.37
N LEU A 123 -23.21 -3.53 5.19
CA LEU A 123 -22.53 -4.11 4.03
C LEU A 123 -22.72 -5.63 4.06
N PHE A 124 -22.74 -6.21 5.25
CA PHE A 124 -22.93 -7.65 5.41
C PHE A 124 -24.23 -8.12 4.75
N ARG A 125 -25.28 -7.33 4.92
CA ARG A 125 -26.59 -7.66 4.36
C ARG A 125 -26.55 -7.76 2.85
N VAL A 126 -25.66 -7.00 2.22
CA VAL A 126 -25.55 -7.08 0.76
C VAL A 126 -24.95 -8.43 0.41
N TYR A 127 -23.91 -8.85 1.14
CA TYR A 127 -23.30 -10.16 0.88
C TYR A 127 -24.36 -11.23 1.12
N ALA A 128 -25.09 -11.12 2.21
CA ALA A 128 -26.14 -12.09 2.54
C ALA A 128 -27.14 -12.23 1.39
N HIS A 129 -27.60 -11.10 0.88
CA HIS A 129 -28.57 -11.14 -0.22
C HIS A 129 -28.02 -11.81 -1.48
N ILE A 130 -26.79 -11.47 -1.84
CA ILE A 130 -26.15 -12.05 -3.02
C ILE A 130 -25.97 -13.56 -2.87
N TYR A 131 -25.45 -14.00 -1.73
CA TYR A 131 -25.22 -15.43 -1.50
C TYR A 131 -26.53 -16.23 -1.51
N HIS A 132 -27.56 -15.70 -0.88
CA HIS A 132 -28.83 -16.41 -0.80
C HIS A 132 -29.72 -16.34 -2.05
N GLN A 133 -29.77 -15.17 -2.68
CA GLN A 133 -30.65 -14.99 -3.83
C GLN A 133 -30.02 -14.91 -5.23
N HIS A 134 -28.69 -14.79 -5.32
CA HIS A 134 -28.07 -14.67 -6.65
C HIS A 134 -26.80 -15.47 -6.86
N PHE A 135 -26.62 -16.54 -6.08
CA PHE A 135 -25.43 -17.34 -6.21
C PHE A 135 -25.33 -17.96 -7.60
N ASP A 136 -26.47 -18.23 -8.21
CA ASP A 136 -26.48 -18.81 -9.54
C ASP A 136 -25.83 -17.84 -10.53
N SER A 137 -26.14 -16.55 -10.40
CA SER A 137 -25.57 -15.53 -11.29
C SER A 137 -24.08 -15.39 -11.02
N VAL A 138 -23.69 -15.46 -9.74
CA VAL A 138 -22.30 -15.36 -9.36
C VAL A 138 -21.47 -16.44 -10.04
N MET A 139 -21.96 -17.68 -9.97
CA MET A 139 -21.26 -18.79 -10.59
C MET A 139 -21.23 -18.62 -12.11
N GLN A 140 -22.36 -18.24 -12.70
CA GLN A 140 -22.43 -18.04 -14.15
C GLN A 140 -21.46 -16.98 -14.63
N LEU A 141 -21.28 -15.94 -13.83
CA LEU A 141 -20.38 -14.85 -14.18
C LEU A 141 -18.96 -15.19 -13.73
N GLN A 142 -18.79 -16.39 -13.18
CA GLN A 142 -17.49 -16.86 -12.70
C GLN A 142 -16.90 -15.89 -11.68
N GLU A 143 -17.77 -15.38 -10.80
CA GLU A 143 -17.37 -14.44 -9.75
C GLU A 143 -17.41 -15.12 -8.39
N GLU A 144 -17.51 -16.45 -8.38
CA GLU A 144 -17.58 -17.19 -7.13
C GLU A 144 -16.32 -17.03 -6.29
N ALA A 145 -15.15 -17.23 -6.90
CA ALA A 145 -13.91 -17.10 -6.17
C ALA A 145 -13.73 -15.66 -5.64
N HIS A 146 -14.09 -14.70 -6.48
CA HIS A 146 -13.98 -13.29 -6.11
C HIS A 146 -14.89 -13.00 -4.92
N LEU A 147 -16.15 -13.42 -5.02
CA LEU A 147 -17.10 -13.21 -3.92
C LEU A 147 -16.58 -13.80 -2.61
N ASN A 148 -16.16 -15.07 -2.65
CA ASN A 148 -15.66 -15.74 -1.45
C ASN A 148 -14.43 -15.04 -0.86
N THR A 149 -13.50 -14.65 -1.72
CA THR A 149 -12.28 -13.98 -1.28
C THR A 149 -12.56 -12.65 -0.57
N SER A 150 -13.39 -11.81 -1.18
CA SER A 150 -13.71 -10.52 -0.57
C SER A 150 -14.49 -10.73 0.73
N PHE A 151 -15.45 -11.65 0.71
CA PHE A 151 -16.23 -11.90 1.91
C PHE A 151 -15.34 -12.41 3.03
N LYS A 152 -14.41 -13.32 2.70
CA LYS A 152 -13.50 -13.87 3.71
C LYS A 152 -12.67 -12.76 4.34
N HIS A 153 -12.12 -11.87 3.52
CA HIS A 153 -11.32 -10.76 4.02
C HIS A 153 -12.20 -9.89 4.94
N PHE A 154 -13.40 -9.59 4.47
CA PHE A 154 -14.36 -8.80 5.22
C PHE A 154 -14.65 -9.45 6.58
N ILE A 155 -15.02 -10.73 6.56
CA ILE A 155 -15.33 -11.44 7.80
C ILE A 155 -14.14 -11.57 8.75
N PHE A 156 -12.96 -11.87 8.22
CA PHE A 156 -11.78 -12.00 9.06
C PHE A 156 -11.47 -10.69 9.76
N PHE A 157 -11.68 -9.57 9.05
CA PHE A 157 -11.43 -8.26 9.61
C PHE A 157 -12.44 -7.96 10.72
N VAL A 158 -13.72 -8.21 10.45
CA VAL A 158 -14.73 -7.94 11.48
C VAL A 158 -14.52 -8.83 12.70
N GLN A 159 -14.11 -10.07 12.49
CA GLN A 159 -13.87 -10.98 13.61
C GLN A 159 -12.68 -10.53 14.45
N GLU A 160 -11.66 -10.02 13.79
CA GLU A 160 -10.45 -9.56 14.46
C GLU A 160 -10.74 -8.44 15.46
N PHE A 161 -11.68 -7.57 15.11
CA PHE A 161 -12.03 -6.44 15.97
C PHE A 161 -13.44 -6.55 16.53
N ASN A 162 -14.08 -7.70 16.31
CA ASN A 162 -15.45 -7.95 16.76
C ASN A 162 -16.34 -6.76 16.44
N LEU A 163 -16.44 -6.45 15.15
CA LEU A 163 -17.23 -5.32 14.66
C LEU A 163 -18.70 -5.59 14.31
N ILE A 164 -19.09 -6.85 14.27
CA ILE A 164 -20.48 -7.19 13.95
C ILE A 164 -21.05 -8.19 14.96
N ASP A 165 -22.20 -7.86 15.54
CA ASP A 165 -22.85 -8.75 16.52
C ASP A 165 -23.22 -10.10 15.92
N ARG A 166 -23.27 -11.12 16.78
CA ARG A 166 -23.60 -12.47 16.37
C ARG A 166 -24.94 -12.59 15.66
N ARG A 167 -25.95 -11.85 16.12
CA ARG A 167 -27.28 -11.93 15.51
C ARG A 167 -27.23 -11.55 14.01
N GLU A 168 -26.58 -10.44 13.72
CA GLU A 168 -26.45 -9.96 12.34
C GLU A 168 -25.83 -11.02 11.42
N LEU A 169 -24.81 -11.71 11.92
CA LEU A 169 -24.11 -12.72 11.13
C LEU A 169 -24.88 -14.01 10.83
N ALA A 170 -26.00 -14.22 11.53
CA ALA A 170 -26.79 -15.44 11.37
C ALA A 170 -27.02 -15.96 9.95
N PRO A 171 -27.36 -15.09 8.99
CA PRO A 171 -27.61 -15.53 7.61
C PRO A 171 -26.47 -16.27 6.90
N LEU A 172 -25.23 -16.00 7.27
CA LEU A 172 -24.10 -16.68 6.64
C LEU A 172 -23.21 -17.41 7.64
N GLN A 173 -23.77 -17.75 8.80
CA GLN A 173 -22.99 -18.43 9.84
C GLN A 173 -22.33 -19.72 9.34
N GLU A 174 -23.08 -20.52 8.61
CA GLU A 174 -22.55 -21.78 8.08
C GLU A 174 -21.33 -21.52 7.19
N LEU A 175 -21.45 -20.52 6.33
CA LEU A 175 -20.38 -20.15 5.42
C LEU A 175 -19.19 -19.59 6.20
N ILE A 176 -19.46 -18.79 7.23
CA ILE A 176 -18.42 -18.20 8.06
C ILE A 176 -17.53 -19.30 8.65
N GLU A 177 -18.15 -20.34 9.19
CA GLU A 177 -17.42 -21.45 9.78
C GLU A 177 -16.55 -22.19 8.77
N LYS A 178 -17.08 -22.43 7.57
CA LYS A 178 -16.31 -23.11 6.55
C LYS A 178 -15.07 -22.31 6.16
N LEU A 179 -15.23 -21.00 6.00
CA LEU A 179 -14.13 -20.13 5.62
C LEU A 179 -13.07 -20.07 6.72
N GLY A 180 -13.50 -20.27 7.96
CA GLY A 180 -12.58 -20.23 9.08
C GLY A 180 -11.72 -21.49 9.17
N LEU B 9 6.59 17.46 -4.32
CA LEU B 9 7.99 17.45 -3.81
C LEU B 9 8.79 18.61 -4.38
N ARG B 10 8.41 19.06 -5.58
CA ARG B 10 9.10 20.16 -6.24
C ARG B 10 9.27 21.36 -5.31
N GLN B 11 8.27 21.59 -4.47
CA GLN B 11 8.29 22.71 -3.53
C GLN B 11 9.02 22.36 -2.24
N ALA B 12 8.77 21.17 -1.72
CA ALA B 12 9.38 20.73 -0.48
C ALA B 12 10.90 20.66 -0.56
N VAL B 13 11.44 20.37 -1.74
CA VAL B 13 12.88 20.26 -1.92
C VAL B 13 13.56 21.60 -2.16
N MET B 14 12.77 22.64 -2.45
CA MET B 14 13.33 23.97 -2.69
C MET B 14 13.92 24.53 -1.42
N LEU B 15 14.95 25.37 -1.57
CA LEU B 15 15.61 26.00 -0.44
C LEU B 15 14.66 26.96 0.28
N PRO B 16 14.35 26.69 1.56
CA PRO B 16 13.46 27.56 2.32
C PRO B 16 13.93 29.01 2.33
N GLU B 17 12.99 29.94 2.43
CA GLU B 17 13.32 31.37 2.45
C GLU B 17 14.30 31.67 3.59
N GLY B 18 15.43 32.30 3.23
CA GLY B 18 16.42 32.66 4.23
C GLY B 18 17.33 31.52 4.69
N GLU B 19 17.02 30.31 4.26
CA GLU B 19 17.81 29.14 4.64
C GLU B 19 19.13 29.07 3.90
N ASP B 20 20.16 28.58 4.62
CA ASP B 20 21.49 28.43 4.04
C ASP B 20 21.52 27.19 3.14
N LEU B 21 22.05 27.34 1.94
CA LEU B 21 22.11 26.23 0.99
C LEU B 21 22.86 25.02 1.53
N ASN B 22 24.05 25.25 2.08
CA ASN B 22 24.83 24.15 2.62
C ASN B 22 24.10 23.41 3.72
N GLU B 23 23.49 24.15 4.64
CA GLU B 23 22.76 23.52 5.72
C GLU B 23 21.59 22.71 5.17
N TRP B 24 20.91 23.26 4.15
CA TRP B 24 19.77 22.59 3.53
C TRP B 24 20.24 21.27 2.93
N ILE B 25 21.34 21.33 2.17
CA ILE B 25 21.88 20.15 1.54
C ILE B 25 22.36 19.14 2.59
N ALA B 26 22.96 19.65 3.65
CA ALA B 26 23.46 18.78 4.73
C ALA B 26 22.35 18.01 5.42
N VAL B 27 21.30 18.73 5.84
CA VAL B 27 20.19 18.09 6.53
C VAL B 27 19.48 17.06 5.66
N ASN B 28 19.28 17.40 4.39
CA ASN B 28 18.62 16.46 3.49
C ASN B 28 19.52 15.27 3.15
N THR B 29 20.82 15.49 3.04
CA THR B 29 21.73 14.40 2.72
C THR B 29 21.71 13.37 3.86
N VAL B 30 21.64 13.83 5.10
CA VAL B 30 21.57 12.90 6.23
C VAL B 30 20.29 12.07 6.09
N ASP B 31 19.17 12.73 5.80
CA ASP B 31 17.90 12.04 5.64
C ASP B 31 17.95 10.99 4.52
N PHE B 32 18.60 11.33 3.41
CA PHE B 32 18.69 10.39 2.29
C PHE B 32 19.55 9.19 2.66
N PHE B 33 20.62 9.45 3.40
CA PHE B 33 21.49 8.36 3.83
C PHE B 33 20.67 7.40 4.69
N ASN B 34 19.89 7.96 5.62
CA ASN B 34 19.09 7.10 6.50
C ASN B 34 18.05 6.30 5.76
N GLN B 35 17.43 6.90 4.75
CA GLN B 35 16.42 6.17 3.98
C GLN B 35 17.02 5.03 3.17
N ILE B 36 18.12 5.27 2.48
CA ILE B 36 18.70 4.19 1.68
C ILE B 36 19.34 3.14 2.60
N ASN B 37 19.80 3.57 3.76
CA ASN B 37 20.40 2.63 4.71
C ASN B 37 19.27 1.69 5.17
N MET B 38 18.10 2.25 5.42
CA MET B 38 16.94 1.46 5.85
C MET B 38 16.45 0.52 4.74
N LEU B 39 16.35 1.03 3.52
CA LEU B 39 15.88 0.22 2.40
C LEU B 39 16.83 -0.94 2.08
N TYR B 40 18.12 -0.67 2.07
CA TYR B 40 19.08 -1.73 1.79
C TYR B 40 19.05 -2.75 2.93
N GLY B 41 18.86 -2.27 4.16
CA GLY B 41 18.80 -3.17 5.29
C GLY B 41 17.72 -4.23 5.12
N THR B 42 16.59 -3.86 4.53
CA THR B 42 15.50 -4.81 4.34
C THR B 42 15.81 -5.95 3.37
N ILE B 43 16.78 -5.73 2.47
CA ILE B 43 17.09 -6.79 1.52
C ILE B 43 18.50 -7.38 1.63
N THR B 44 19.22 -7.06 2.71
CA THR B 44 20.57 -7.58 2.88
C THR B 44 20.57 -9.10 2.89
N GLU B 45 19.51 -9.68 3.41
CA GLU B 45 19.40 -11.13 3.44
C GLU B 45 19.50 -11.70 2.03
N PHE B 46 19.04 -10.92 1.05
CA PHE B 46 19.03 -11.38 -0.34
C PHE B 46 20.18 -10.87 -1.22
N CYS B 47 21.02 -9.99 -0.66
CA CYS B 47 22.16 -9.46 -1.39
C CYS B 47 23.37 -10.11 -0.76
N THR B 48 23.83 -11.22 -1.36
CA THR B 48 24.94 -11.97 -0.81
C THR B 48 26.11 -12.11 -1.78
N GLU B 49 27.18 -12.73 -1.28
CA GLU B 49 28.37 -12.96 -2.07
C GLU B 49 28.04 -13.82 -3.28
N ALA B 50 27.06 -14.70 -3.13
CA ALA B 50 26.65 -15.59 -4.22
C ALA B 50 25.68 -14.95 -5.20
N SER B 51 24.71 -14.21 -4.68
CA SER B 51 23.73 -13.57 -5.55
C SER B 51 24.33 -12.43 -6.36
N CYS B 52 25.28 -11.70 -5.76
CA CYS B 52 25.88 -10.55 -6.43
C CYS B 52 27.40 -10.51 -6.31
N PRO B 53 28.09 -11.38 -7.05
CA PRO B 53 29.56 -11.44 -7.02
C PRO B 53 30.24 -10.18 -7.53
N VAL B 54 29.49 -9.35 -8.24
CA VAL B 54 30.03 -8.10 -8.77
C VAL B 54 28.98 -6.99 -8.60
N MET B 55 29.43 -5.81 -8.17
CA MET B 55 28.52 -4.68 -7.97
C MET B 55 28.01 -4.21 -9.33
N SER B 56 26.71 -4.36 -9.56
CA SER B 56 26.16 -3.94 -10.84
C SER B 56 24.78 -3.33 -10.71
N ALA B 57 24.30 -2.78 -11.81
CA ALA B 57 22.98 -2.19 -11.89
C ALA B 57 22.43 -2.70 -13.21
N GLY B 58 22.20 -4.01 -13.28
CA GLY B 58 21.68 -4.59 -14.50
C GLY B 58 22.80 -5.00 -15.46
N PRO B 59 22.45 -5.58 -16.62
CA PRO B 59 23.42 -6.03 -17.63
C PRO B 59 24.24 -4.95 -18.32
N ARG B 60 23.80 -3.70 -18.25
CA ARG B 60 24.49 -2.60 -18.93
C ARG B 60 25.40 -1.72 -18.08
N TYR B 61 25.33 -1.87 -16.76
CA TYR B 61 26.12 -1.02 -15.87
C TYR B 61 26.75 -1.78 -14.71
N GLU B 62 28.05 -1.62 -14.54
CA GLU B 62 28.79 -2.30 -13.48
C GLU B 62 29.68 -1.28 -12.78
N TYR B 63 29.95 -1.50 -11.50
CA TYR B 63 30.78 -0.59 -10.71
C TYR B 63 32.04 -1.29 -10.22
N HIS B 64 33.19 -0.86 -10.71
CA HIS B 64 34.46 -1.46 -10.32
C HIS B 64 34.95 -0.96 -8.97
N TRP B 65 35.72 -1.78 -8.28
CA TRP B 65 36.29 -1.37 -7.01
C TRP B 65 37.40 -0.38 -7.34
N ALA B 66 38.17 -0.67 -8.39
CA ALA B 66 39.26 0.19 -8.82
C ALA B 66 39.55 0.00 -10.31
N ASP B 67 39.79 1.11 -11.01
CA ASP B 67 40.09 1.04 -12.44
C ASP B 67 40.78 2.33 -12.92
N PRO B 74 40.55 -4.39 -14.62
CA PRO B 74 40.04 -3.66 -13.44
C PRO B 74 39.73 -4.57 -12.26
N ILE B 75 39.75 -4.00 -11.07
CA ILE B 75 39.47 -4.74 -9.84
C ILE B 75 37.99 -4.64 -9.49
N LYS B 76 37.34 -5.78 -9.37
CA LYS B 76 35.90 -5.82 -9.06
C LYS B 76 35.69 -6.37 -7.65
N CYS B 77 34.47 -6.24 -7.14
CA CYS B 77 34.15 -6.79 -5.83
C CYS B 77 32.65 -6.99 -5.73
N SER B 78 32.22 -7.77 -4.75
CA SER B 78 30.80 -8.07 -4.58
C SER B 78 29.98 -6.84 -4.19
N ALA B 79 28.68 -6.92 -4.44
CA ALA B 79 27.78 -5.82 -4.10
C ALA B 79 27.76 -5.61 -2.59
N PRO B 80 27.64 -6.70 -1.80
CA PRO B 80 27.62 -6.47 -0.36
C PRO B 80 28.86 -5.75 0.17
N LYS B 81 30.04 -6.13 -0.31
CA LYS B 81 31.27 -5.50 0.12
C LYS B 81 31.33 -4.05 -0.38
N TYR B 82 30.93 -3.87 -1.64
CA TYR B 82 30.94 -2.54 -2.26
C TYR B 82 29.99 -1.60 -1.51
N ILE B 83 28.76 -2.03 -1.31
CA ILE B 83 27.77 -1.20 -0.63
C ILE B 83 28.12 -0.97 0.84
N ASP B 84 28.63 -1.98 1.52
CA ASP B 84 29.01 -1.78 2.92
C ASP B 84 30.12 -0.73 3.00
N TYR B 85 31.12 -0.82 2.14
CA TYR B 85 32.21 0.15 2.16
C TYR B 85 31.70 1.56 1.86
N LEU B 86 30.87 1.67 0.82
CA LEU B 86 30.31 2.94 0.41
C LEU B 86 29.46 3.57 1.52
N MET B 87 28.60 2.77 2.13
CA MET B 87 27.73 3.28 3.19
C MET B 87 28.51 3.61 4.46
N THR B 88 29.58 2.86 4.73
CA THR B 88 30.39 3.14 5.90
C THR B 88 31.09 4.48 5.68
N TRP B 89 31.61 4.67 4.48
CA TRP B 89 32.30 5.89 4.12
C TRP B 89 31.37 7.10 4.27
N VAL B 90 30.13 6.98 3.80
CA VAL B 90 29.18 8.08 3.91
C VAL B 90 28.90 8.43 5.37
N GLN B 91 28.63 7.41 6.19
CA GLN B 91 28.36 7.64 7.60
C GLN B 91 29.54 8.34 8.27
N ASP B 92 30.76 7.96 7.87
CA ASP B 92 31.95 8.58 8.45
C ASP B 92 32.00 10.06 8.07
N GLN B 93 31.60 10.39 6.84
CA GLN B 93 31.61 11.78 6.40
C GLN B 93 30.58 12.56 7.21
N LEU B 94 29.41 11.96 7.45
CA LEU B 94 28.36 12.61 8.22
C LEU B 94 28.83 12.90 9.64
N ASP B 95 29.70 12.03 10.16
CA ASP B 95 30.21 12.20 11.52
C ASP B 95 31.47 13.04 11.61
N ASP B 96 31.93 13.55 10.48
CA ASP B 96 33.14 14.38 10.45
C ASP B 96 32.75 15.83 10.73
N GLU B 97 33.05 16.29 11.94
CA GLU B 97 32.75 17.65 12.37
C GLU B 97 33.34 18.73 11.47
N THR B 98 34.44 18.40 10.78
CA THR B 98 35.06 19.38 9.89
C THR B 98 34.28 19.51 8.58
N LEU B 99 33.55 18.46 8.22
CA LEU B 99 32.75 18.46 6.99
C LEU B 99 31.29 18.80 7.24
N PHE B 100 30.72 18.22 8.29
CA PHE B 100 29.33 18.45 8.65
C PHE B 100 29.28 19.04 10.06
N PRO B 101 29.69 20.31 10.21
CA PRO B 101 29.71 21.00 11.51
C PRO B 101 28.33 20.98 12.17
N SER B 102 28.31 20.71 13.47
CA SER B 102 27.05 20.66 14.22
C SER B 102 27.00 21.82 15.21
N LYS B 103 28.15 22.40 15.51
CA LYS B 103 28.23 23.51 16.45
C LYS B 103 27.95 24.85 15.78
N ILE B 104 27.26 25.73 16.49
CA ILE B 104 26.92 27.04 15.96
C ILE B 104 28.17 27.86 15.68
N GLY B 105 28.13 28.61 14.58
CA GLY B 105 29.27 29.45 14.21
C GLY B 105 30.33 28.79 13.36
N VAL B 106 30.34 27.46 13.32
CA VAL B 106 31.33 26.73 12.52
C VAL B 106 30.83 26.60 11.09
N PRO B 107 31.52 27.25 10.14
CA PRO B 107 31.12 27.19 8.73
C PRO B 107 31.45 25.86 8.06
N PHE B 108 30.74 25.55 6.99
CA PHE B 108 31.01 24.33 6.25
C PHE B 108 32.33 24.55 5.53
N PRO B 109 33.09 23.48 5.28
CA PRO B 109 34.37 23.62 4.58
C PRO B 109 34.18 24.08 3.15
N LYS B 110 35.25 24.57 2.54
CA LYS B 110 35.21 25.06 1.17
C LYS B 110 34.85 23.94 0.18
N ASN B 111 35.23 22.71 0.53
CA ASN B 111 34.97 21.57 -0.33
C ASN B 111 33.69 20.82 0.02
N PHE B 112 32.81 21.46 0.80
CA PHE B 112 31.57 20.82 1.21
C PHE B 112 30.68 20.38 0.06
N MET B 113 30.41 21.29 -0.86
CA MET B 113 29.56 20.98 -2.00
C MET B 113 30.10 19.77 -2.76
N SER B 114 31.41 19.74 -2.95
CA SER B 114 32.05 18.63 -3.65
C SER B 114 31.87 17.32 -2.89
N VAL B 115 32.00 17.37 -1.56
CA VAL B 115 31.85 16.17 -0.75
C VAL B 115 30.38 15.72 -0.77
N ALA B 116 29.47 16.69 -0.71
CA ALA B 116 28.05 16.35 -0.72
C ALA B 116 27.65 15.67 -2.03
N LYS B 117 28.16 16.18 -3.15
CA LYS B 117 27.83 15.61 -4.46
C LYS B 117 28.35 14.19 -4.55
N THR B 118 29.56 13.96 -4.03
CA THR B 118 30.14 12.63 -4.07
C THR B 118 29.29 11.68 -3.22
N ILE B 119 28.83 12.16 -2.08
CA ILE B 119 27.98 11.33 -1.21
C ILE B 119 26.71 10.94 -1.95
N LEU B 120 26.05 11.93 -2.55
CA LEU B 120 24.80 11.68 -3.28
C LEU B 120 25.00 10.77 -4.50
N LYS B 121 26.08 10.98 -5.23
CA LYS B 121 26.36 10.13 -6.39
C LYS B 121 26.49 8.68 -5.92
N ARG B 122 27.12 8.49 -4.76
CA ARG B 122 27.30 7.14 -4.25
C ARG B 122 26.03 6.51 -3.72
N LEU B 123 25.20 7.28 -3.02
CA LEU B 123 23.94 6.76 -2.50
C LEU B 123 23.07 6.29 -3.67
N PHE B 124 23.17 7.00 -4.79
CA PHE B 124 22.39 6.66 -5.99
C PHE B 124 22.68 5.22 -6.42
N ARG B 125 23.95 4.83 -6.37
CA ARG B 125 24.36 3.49 -6.78
C ARG B 125 23.69 2.40 -5.95
N VAL B 126 23.38 2.71 -4.70
CA VAL B 126 22.70 1.74 -3.86
C VAL B 126 21.28 1.56 -4.40
N TYR B 127 20.62 2.67 -4.73
CA TYR B 127 19.26 2.58 -5.29
C TYR B 127 19.33 1.80 -6.59
N ALA B 128 20.30 2.12 -7.43
CA ALA B 128 20.47 1.45 -8.71
C ALA B 128 20.59 -0.05 -8.53
N HIS B 129 21.42 -0.48 -7.59
CA HIS B 129 21.61 -1.91 -7.35
C HIS B 129 20.33 -2.61 -6.88
N ILE B 130 19.62 -1.97 -5.96
CA ILE B 130 18.37 -2.54 -5.44
C ILE B 130 17.31 -2.66 -6.54
N TYR B 131 17.12 -1.59 -7.32
CA TYR B 131 16.13 -1.63 -8.39
C TYR B 131 16.44 -2.67 -9.46
N HIS B 132 17.70 -2.77 -9.85
CA HIS B 132 18.09 -3.72 -10.89
C HIS B 132 18.23 -5.18 -10.45
N GLN B 133 18.80 -5.39 -9.27
CA GLN B 133 19.04 -6.74 -8.79
C GLN B 133 18.16 -7.32 -7.68
N HIS B 134 17.35 -6.49 -7.03
CA HIS B 134 16.51 -6.99 -5.93
C HIS B 134 15.07 -6.50 -5.90
N PHE B 135 14.56 -6.08 -7.05
CA PHE B 135 13.20 -5.56 -7.09
C PHE B 135 12.20 -6.64 -6.70
N ASP B 136 12.54 -7.89 -6.96
CA ASP B 136 11.64 -8.98 -6.60
C ASP B 136 11.48 -9.04 -5.08
N SER B 137 12.59 -8.86 -4.36
CA SER B 137 12.54 -8.88 -2.89
C SER B 137 11.77 -7.67 -2.36
N VAL B 138 11.96 -6.52 -3.02
CA VAL B 138 11.27 -5.30 -2.64
C VAL B 138 9.76 -5.51 -2.71
N MET B 139 9.29 -6.05 -3.82
CA MET B 139 7.87 -6.30 -3.98
C MET B 139 7.38 -7.33 -2.96
N GLN B 140 8.14 -8.41 -2.77
CA GLN B 140 7.77 -9.44 -1.82
C GLN B 140 7.65 -8.90 -0.40
N LEU B 141 8.52 -7.96 -0.06
CA LEU B 141 8.51 -7.37 1.27
C LEU B 141 7.54 -6.20 1.31
N GLN B 142 6.86 -5.97 0.19
CA GLN B 142 5.89 -4.88 0.08
C GLN B 142 6.53 -3.53 0.39
N GLU B 143 7.76 -3.36 -0.08
CA GLU B 143 8.52 -2.14 0.12
C GLU B 143 8.63 -1.34 -1.17
N GLU B 144 7.83 -1.71 -2.16
CA GLU B 144 7.85 -1.03 -3.45
C GLU B 144 7.46 0.44 -3.35
N ALA B 145 6.35 0.72 -2.69
CA ALA B 145 5.90 2.11 -2.54
C ALA B 145 6.93 2.93 -1.76
N HIS B 146 7.48 2.33 -0.71
CA HIS B 146 8.48 2.98 0.12
C HIS B 146 9.71 3.31 -0.72
N LEU B 147 10.21 2.31 -1.45
CA LEU B 147 11.39 2.52 -2.29
C LEU B 147 11.16 3.66 -3.28
N ASN B 148 10.04 3.60 -4.01
CA ASN B 148 9.73 4.65 -4.99
C ASN B 148 9.62 6.04 -4.37
N THR B 149 8.94 6.12 -3.23
CA THR B 149 8.77 7.40 -2.55
C THR B 149 10.09 8.03 -2.11
N SER B 150 10.95 7.25 -1.47
CA SER B 150 12.24 7.77 -1.03
C SER B 150 13.10 8.13 -2.23
N PHE B 151 13.12 7.28 -3.25
CA PHE B 151 13.91 7.56 -4.44
C PHE B 151 13.43 8.84 -5.11
N LYS B 152 12.11 9.00 -5.21
CA LYS B 152 11.54 10.19 -5.84
C LYS B 152 11.97 11.45 -5.10
N HIS B 153 11.88 11.43 -3.78
CA HIS B 153 12.30 12.58 -2.97
C HIS B 153 13.78 12.86 -3.22
N PHE B 154 14.57 11.80 -3.19
CA PHE B 154 16.02 11.89 -3.43
C PHE B 154 16.29 12.52 -4.79
N ILE B 155 15.68 11.96 -5.84
CA ILE B 155 15.89 12.49 -7.19
C ILE B 155 15.39 13.92 -7.38
N PHE B 156 14.23 14.24 -6.83
CA PHE B 156 13.70 15.59 -6.98
C PHE B 156 14.63 16.60 -6.32
N PHE B 157 15.23 16.21 -5.20
CA PHE B 157 16.14 17.08 -4.49
C PHE B 157 17.42 17.28 -5.30
N VAL B 158 17.98 16.19 -5.82
CA VAL B 158 19.20 16.32 -6.60
C VAL B 158 18.96 17.13 -7.88
N GLN B 159 17.79 16.96 -8.49
CA GLN B 159 17.47 17.71 -9.71
C GLN B 159 17.31 19.20 -9.42
N GLU B 160 16.72 19.52 -8.27
CA GLU B 160 16.50 20.91 -7.88
C GLU B 160 17.81 21.69 -7.77
N PHE B 161 18.86 21.03 -7.30
CA PHE B 161 20.16 21.67 -7.13
C PHE B 161 21.22 21.12 -8.07
N ASN B 162 20.79 20.27 -9.00
CA ASN B 162 21.68 19.63 -9.98
C ASN B 162 22.93 19.09 -9.27
N LEU B 163 22.70 18.18 -8.34
CA LEU B 163 23.78 17.59 -7.54
C LEU B 163 24.41 16.29 -8.08
N ILE B 164 23.83 15.72 -9.13
CA ILE B 164 24.38 14.49 -9.72
C ILE B 164 24.47 14.61 -11.23
N ASP B 165 25.66 14.35 -11.78
CA ASP B 165 25.87 14.40 -13.23
C ASP B 165 24.99 13.42 -14.00
N ARG B 166 24.70 13.75 -15.25
CA ARG B 166 23.85 12.93 -16.11
C ARG B 166 24.37 11.51 -16.28
N ARG B 167 25.69 11.35 -16.40
CA ARG B 167 26.27 10.02 -16.60
C ARG B 167 25.92 9.07 -15.46
N GLU B 168 26.10 9.55 -14.23
CA GLU B 168 25.81 8.75 -13.04
C GLU B 168 24.36 8.26 -13.02
N LEU B 169 23.44 9.12 -13.42
CA LEU B 169 22.02 8.78 -13.41
C LEU B 169 21.55 7.77 -14.46
N ALA B 170 22.41 7.49 -15.45
CA ALA B 170 22.06 6.56 -16.52
C ALA B 170 21.31 5.27 -16.16
N PRO B 171 21.75 4.56 -15.10
CA PRO B 171 21.10 3.31 -14.70
C PRO B 171 19.60 3.38 -14.38
N LEU B 172 19.11 4.53 -13.94
CA LEU B 172 17.69 4.65 -13.62
C LEU B 172 17.02 5.80 -14.39
N GLN B 173 17.59 6.18 -15.52
CA GLN B 173 17.04 7.27 -16.32
C GLN B 173 15.58 7.06 -16.70
N GLU B 174 15.24 5.84 -17.13
CA GLU B 174 13.87 5.52 -17.52
C GLU B 174 12.93 5.75 -16.35
N LEU B 175 13.34 5.28 -15.18
CA LEU B 175 12.53 5.42 -13.97
C LEU B 175 12.42 6.90 -13.57
N ILE B 176 13.51 7.64 -13.70
CA ILE B 176 13.54 9.06 -13.37
C ILE B 176 12.47 9.81 -14.15
N GLU B 177 12.39 9.53 -15.45
CA GLU B 177 11.41 10.19 -16.32
C GLU B 177 9.97 9.87 -15.92
N LYS B 178 9.70 8.61 -15.61
CA LYS B 178 8.36 8.23 -15.20
C LYS B 178 7.94 8.95 -13.93
N LEU B 179 8.85 9.03 -12.96
CA LEU B 179 8.56 9.68 -11.69
C LEU B 179 8.33 11.19 -11.88
N GLY B 180 8.95 11.75 -12.91
CA GLY B 180 8.81 13.17 -13.18
C GLY B 180 7.46 13.50 -13.81
N ALA C 1 -34.32 3.35 8.74
CA ALA C 1 -33.61 2.83 9.94
C ALA C 1 -32.94 1.49 9.67
N LEU C 2 -33.41 0.77 8.65
CA LEU C 2 -32.85 -0.54 8.29
C LEU C 2 -32.67 -1.43 9.54
N PRO C 3 -33.77 -1.75 10.23
CA PRO C 3 -33.71 -2.60 11.43
C PRO C 3 -33.11 -3.99 11.20
N ALA C 4 -32.77 -4.66 12.30
CA ALA C 4 -32.19 -6.00 12.24
C ALA C 4 -33.14 -6.97 11.51
N TRP C 5 -32.59 -8.04 10.96
CA TRP C 5 -33.41 -9.00 10.23
C TRP C 5 -34.52 -9.61 11.10
N ALA C 6 -35.57 -10.08 10.42
CA ALA C 6 -36.70 -10.71 11.10
C ALA C 6 -37.06 -11.99 10.37
N ARG C 7 -37.69 -12.92 11.08
CA ARG C 7 -38.11 -14.17 10.46
C ARG C 7 -39.34 -13.82 9.62
N PRO C 8 -39.35 -14.23 8.34
CA PRO C 8 -40.50 -13.93 7.48
C PRO C 8 -41.76 -14.70 7.87
N ASP C 9 -42.92 -14.20 7.45
CA ASP C 9 -44.18 -14.87 7.76
C ASP C 9 -44.30 -16.16 6.96
N LEU D 2 -31.66 -25.17 -2.17
CA LEU D 2 -30.68 -24.29 -1.47
C LEU D 2 -29.39 -24.14 -2.28
N PRO D 3 -28.66 -23.03 -2.06
CA PRO D 3 -27.41 -22.74 -2.77
C PRO D 3 -26.29 -23.76 -2.53
N ALA D 4 -25.37 -23.83 -3.48
CA ALA D 4 -24.24 -24.77 -3.40
C ALA D 4 -23.35 -24.56 -2.19
N TRP D 5 -23.07 -23.30 -1.84
CA TRP D 5 -22.21 -23.01 -0.70
C TRP D 5 -22.80 -23.52 0.61
N ALA D 6 -24.06 -23.92 0.57
CA ALA D 6 -24.75 -24.42 1.76
C ALA D 6 -24.43 -25.89 2.06
N ARG D 7 -23.89 -26.59 1.07
CA ARG D 7 -23.55 -28.01 1.26
C ARG D 7 -22.42 -28.14 2.27
N PRO D 8 -22.45 -29.18 3.11
CA PRO D 8 -21.42 -29.40 4.12
C PRO D 8 -20.08 -29.80 3.50
N ASP D 9 -20.12 -30.27 2.26
CA ASP D 9 -18.92 -30.67 1.55
C ASP D 9 -18.35 -29.53 0.72
N TYR D 10 -19.03 -28.39 0.75
CA TYR D 10 -18.60 -27.22 -0.02
C TYR D 10 -17.24 -26.69 0.44
N ASN D 11 -16.32 -26.59 -0.52
CA ASN D 11 -14.98 -26.08 -0.23
C ASN D 11 -14.86 -24.75 -0.95
N PRO D 12 -15.11 -23.64 -0.24
CA PRO D 12 -15.05 -22.29 -0.79
C PRO D 12 -13.88 -22.00 -1.73
N PRO D 13 -14.15 -21.90 -3.03
CA PRO D 13 -13.08 -21.61 -3.98
C PRO D 13 -12.65 -20.15 -3.81
N LEU D 14 -11.35 -19.91 -3.75
CA LEU D 14 -10.82 -18.58 -3.54
C LEU D 14 -9.91 -18.17 -4.71
N VAL D 15 -9.69 -16.86 -4.85
CA VAL D 15 -8.84 -16.36 -5.92
C VAL D 15 -7.39 -16.78 -5.70
N GLU D 16 -6.70 -17.15 -6.77
CA GLU D 16 -5.31 -17.57 -6.66
C GLU D 16 -4.41 -16.65 -7.50
N ALA E 1 38.32 4.12 -4.42
CA ALA E 1 37.97 5.34 -5.22
C ALA E 1 36.55 5.27 -5.77
N LEU E 2 35.99 4.06 -5.87
CA LEU E 2 34.64 3.86 -6.39
C LEU E 2 34.40 4.66 -7.68
N PRO E 3 35.16 4.35 -8.75
CA PRO E 3 35.02 5.06 -10.02
C PRO E 3 33.63 4.96 -10.65
N ALA E 4 33.38 5.81 -11.65
CA ALA E 4 32.10 5.83 -12.35
C ALA E 4 31.81 4.47 -12.98
N TRP E 5 30.54 4.17 -13.21
CA TRP E 5 30.16 2.89 -13.79
C TRP E 5 30.81 2.63 -15.15
N ALA E 6 30.93 1.35 -15.49
CA ALA E 6 31.51 0.94 -16.77
C ALA E 6 30.63 -0.12 -17.39
N ARG E 7 30.69 -0.25 -18.72
CA ARG E 7 29.91 -1.25 -19.42
C ARG E 7 30.60 -2.58 -19.14
N PRO E 8 29.86 -3.60 -18.68
CA PRO E 8 30.48 -4.89 -18.40
C PRO E 8 30.93 -5.63 -19.66
N ASP E 9 31.85 -6.57 -19.51
CA ASP E 9 32.35 -7.34 -20.65
C ASP E 9 31.27 -8.30 -21.15
N LEU F 2 13.68 -8.57 -17.45
CA LEU F 2 13.88 -7.22 -16.84
C LEU F 2 12.83 -6.92 -15.78
N PRO F 3 13.16 -6.03 -14.81
CA PRO F 3 12.27 -5.65 -13.73
C PRO F 3 10.96 -4.98 -14.17
N ALA F 4 9.95 -5.07 -13.32
CA ALA F 4 8.64 -4.50 -13.60
C ALA F 4 8.66 -2.99 -13.82
N TRP F 5 9.44 -2.27 -13.03
CA TRP F 5 9.50 -0.82 -13.16
C TRP F 5 10.06 -0.38 -14.50
N ALA F 6 10.60 -1.33 -15.25
CA ALA F 6 11.17 -1.04 -16.56
C ALA F 6 10.11 -0.96 -17.65
N ARG F 7 8.92 -1.49 -17.39
CA ARG F 7 7.84 -1.46 -18.38
C ARG F 7 7.42 -0.01 -18.63
N PRO F 8 7.08 0.32 -19.89
CA PRO F 8 6.64 1.68 -20.24
C PRO F 8 5.27 2.03 -19.66
N ASP F 9 4.52 1.00 -19.28
CA ASP F 9 3.19 1.18 -18.70
C ASP F 9 3.26 1.23 -17.17
N TYR F 10 4.46 1.06 -16.63
CA TYR F 10 4.65 1.08 -15.18
C TYR F 10 4.28 2.40 -14.54
N ASN F 11 3.38 2.35 -13.57
CA ASN F 11 2.96 3.56 -12.86
C ASN F 11 3.48 3.43 -11.43
N PRO F 12 4.65 4.03 -11.15
CA PRO F 12 5.29 3.99 -9.84
C PRO F 12 4.37 4.16 -8.64
N PRO F 13 4.10 3.07 -7.91
CA PRO F 13 3.23 3.16 -6.74
C PRO F 13 3.97 3.90 -5.64
N LEU F 14 3.30 4.86 -5.00
CA LEU F 14 3.92 5.66 -3.95
C LEU F 14 3.15 5.52 -2.64
N VAL F 15 3.80 5.86 -1.53
CA VAL F 15 3.17 5.77 -0.22
C VAL F 15 2.04 6.79 -0.11
N GLU F 16 0.94 6.38 0.51
CA GLU F 16 -0.20 7.28 0.69
C GLU F 16 -0.50 7.48 2.18
#